data_6AAH
#
_entry.id   6AAH
#
_cell.length_a   42.467
_cell.length_b   85.584
_cell.length_c   169.433
_cell.angle_alpha   90.00
_cell.angle_beta   90.00
_cell.angle_gamma   90.00
#
_symmetry.space_group_name_H-M   'P 21 21 21'
#
loop_
_entity.id
_entity.type
_entity.pdbx_description
1 polymer 'Tyrosine-protein kinase JAK1'
2 non-polymer 4-[[(1S,3R)-5-oxidanyl-2-adamantyl]amino]-1H-pyrrolo[2,3-b]pyridine-5-carboxamide
3 water water
#
_entity_poly.entity_id   1
_entity_poly.type   'polypeptide(L)'
_entity_poly.pdbx_seq_one_letter_code
;VDPTHFEKRFLKRIRDLGEGHFGKVELCRYDPEGDNTGEQVAVKSLKPESGGNHIADLKKEIEILRNLYHENIVKYKGIC
TEDGGNGIKLIMEFLPSGSLKEYLPKNKNKINLKQQLKYAVQICKGMDYLGSRQYVHRDLAARNVLVESEHQVKIGDFGL
TKAIETDKE(PTR)(PTR)TVKDDRDSPVFWYAPECLMQSKFYIASDVWSFGVTLHELLTYCDSDSSPMALFLKMIGPTH
GQMTVTRLVNTLKEGKRLPCPPNCPDEVYQLMRKCWEFQPSNRTSFQNLIEGFEALLK
;
_entity_poly.pdbx_strand_id   A,B
#
loop_
_chem_comp.id
_chem_comp.type
_chem_comp.name
_chem_comp.formula
9T6 non-polymer 4-[[(1S,3R)-5-oxidanyl-2-adamantyl]amino]-1H-pyrrolo[2,3-b]pyridine-5-carboxamide 'C18 H22 N4 O2'
#
# COMPACT_ATOMS: atom_id res chain seq x y z
N VAL A 1 -19.28 19.98 -17.07
CA VAL A 1 -18.33 19.02 -16.43
C VAL A 1 -19.05 18.19 -15.37
N ASP A 2 -18.94 16.87 -15.48
CA ASP A 2 -19.60 15.94 -14.56
C ASP A 2 -18.72 15.76 -13.32
N PRO A 3 -19.18 16.23 -12.14
CA PRO A 3 -18.38 16.06 -10.92
C PRO A 3 -18.20 14.61 -10.42
N THR A 4 -18.96 13.66 -10.95
CA THR A 4 -18.75 12.22 -10.68
C THR A 4 -17.83 11.50 -11.69
N HIS A 5 -17.35 12.23 -12.70
CA HIS A 5 -16.42 11.69 -13.67
C HIS A 5 -15.03 12.11 -13.22
N PHE A 6 -14.20 11.12 -12.89
CA PHE A 6 -12.82 11.33 -12.44
C PHE A 6 -11.83 10.90 -13.51
N GLU A 7 -11.06 11.85 -14.03
CA GLU A 7 -10.10 11.56 -15.08
C GLU A 7 -8.91 10.77 -14.53
N LYS A 8 -8.59 9.65 -15.17
CA LYS A 8 -7.43 8.82 -14.79
C LYS A 8 -6.10 9.57 -14.72
N ARG A 9 -5.84 10.48 -15.65
CA ARG A 9 -4.57 11.25 -15.67
C ARG A 9 -4.35 12.08 -14.38
N PHE A 10 -5.44 12.42 -13.66
CA PHE A 10 -5.32 13.17 -12.40
C PHE A 10 -5.47 12.32 -11.13
N LEU A 11 -5.70 11.02 -11.28
CA LEU A 11 -5.77 10.10 -10.13
C LEU A 11 -4.40 9.54 -9.80
N LYS A 12 -3.82 9.97 -8.68
CA LYS A 12 -2.49 9.55 -8.27
C LYS A 12 -2.53 8.57 -7.12
N ARG A 13 -1.99 7.39 -7.32
CA ARG A 13 -1.98 6.35 -6.30
C ARG A 13 -1.09 6.71 -5.13
N ILE A 14 -1.56 6.46 -3.91
CA ILE A 14 -0.79 6.71 -2.71
C ILE A 14 -0.41 5.41 -2.02
N ARG A 15 -1.40 4.60 -1.66
CA ARG A 15 -1.13 3.33 -1.00
C ARG A 15 -2.33 2.42 -1.08
N ASP A 16 -2.11 1.11 -0.99
CA ASP A 16 -3.19 0.14 -0.95
C ASP A 16 -3.83 0.10 0.43
N LEU A 17 -5.15 0.16 0.44
CA LEU A 17 -5.98 0.14 1.67
C LEU A 17 -6.49 -1.24 2.09
N GLY A 18 -6.82 -2.06 1.10
CA GLY A 18 -7.15 -3.44 1.33
C GLY A 18 -7.71 -4.03 0.05
N GLU A 19 -8.08 -5.31 0.12
CA GLU A 19 -8.62 -5.99 -1.04
C GLU A 19 -9.47 -7.16 -0.66
N GLY A 20 -10.50 -7.40 -1.45
CA GLY A 20 -11.36 -8.55 -1.24
C GLY A 20 -12.24 -8.83 -2.44
N HIS A 21 -12.47 -10.10 -2.69
CA HIS A 21 -13.41 -10.53 -3.72
C HIS A 21 -13.21 -9.97 -5.10
N PHE A 22 -12.01 -10.14 -5.64
CA PHE A 22 -11.71 -9.70 -7.00
C PHE A 22 -11.62 -8.18 -7.13
N GLY A 23 -11.68 -7.48 -6.01
CA GLY A 23 -11.56 -6.04 -5.97
C GLY A 23 -10.33 -5.65 -5.16
N LYS A 24 -9.92 -4.41 -5.36
CA LYS A 24 -8.75 -3.83 -4.72
C LYS A 24 -9.16 -2.42 -4.38
N VAL A 25 -8.84 -1.95 -3.18
CA VAL A 25 -9.12 -0.57 -2.79
C VAL A 25 -7.81 0.17 -2.49
N GLU A 26 -7.67 1.34 -3.11
CA GLU A 26 -6.46 2.16 -2.97
C GLU A 26 -6.83 3.58 -2.61
N LEU A 27 -5.97 4.19 -1.81
CA LEU A 27 -6.00 5.61 -1.55
C LEU A 27 -5.32 6.28 -2.74
N CYS A 28 -6.03 7.24 -3.34
CA CYS A 28 -5.47 8.09 -4.36
C CYS A 28 -5.80 9.53 -4.00
N ARG A 29 -4.97 10.41 -4.53
CA ARG A 29 -5.25 11.82 -4.54
C ARG A 29 -5.70 12.21 -5.95
N TYR A 30 -6.86 12.84 -6.07
CA TYR A 30 -7.32 13.38 -7.34
C TYR A 30 -6.72 14.77 -7.46
N ASP A 31 -5.64 14.88 -8.24
CA ASP A 31 -4.71 16.00 -8.13
C ASP A 31 -4.55 16.73 -9.46
N PRO A 32 -5.62 17.37 -9.97
CA PRO A 32 -5.51 18.05 -11.27
C PRO A 32 -4.47 19.19 -11.32
N GLU A 33 -4.19 19.84 -10.21
CA GLU A 33 -3.18 20.89 -10.18
C GLU A 33 -1.74 20.37 -10.16
N GLY A 34 -1.52 19.11 -9.80
CA GLY A 34 -0.19 18.48 -9.84
C GLY A 34 0.77 18.86 -8.70
N ASP A 35 0.19 19.23 -7.56
CA ASP A 35 0.94 19.70 -6.39
C ASP A 35 0.62 18.99 -5.08
N ASN A 36 -0.06 17.85 -5.17
CA ASN A 36 -0.40 17.07 -3.99
C ASN A 36 -1.37 17.75 -3.01
N THR A 37 -2.17 18.69 -3.50
CA THR A 37 -3.15 19.37 -2.65
C THR A 37 -4.55 18.89 -2.95
N GLY A 38 -4.68 18.00 -3.93
CA GLY A 38 -5.96 17.49 -4.33
C GLY A 38 -6.60 16.65 -3.27
N GLU A 39 -7.91 16.47 -3.40
CA GLU A 39 -8.69 15.71 -2.43
C GLU A 39 -8.25 14.24 -2.47
N GLN A 40 -8.13 13.64 -1.30
CA GLN A 40 -7.89 12.19 -1.18
C GLN A 40 -9.19 11.43 -1.37
N VAL A 41 -9.13 10.33 -2.12
CA VAL A 41 -10.29 9.46 -2.38
C VAL A 41 -9.88 7.99 -2.26
N ALA A 42 -10.85 7.16 -1.90
CA ALA A 42 -10.74 5.70 -1.90
C ALA A 42 -11.21 5.22 -3.27
N VAL A 43 -10.37 4.44 -3.96
CA VAL A 43 -10.63 4.03 -5.34
C VAL A 43 -10.65 2.52 -5.37
N LYS A 44 -11.78 1.93 -5.76
CA LYS A 44 -11.90 0.47 -5.86
C LYS A 44 -11.77 0.06 -7.31
N SER A 45 -10.90 -0.92 -7.58
CA SER A 45 -10.82 -1.51 -8.91
C SER A 45 -10.52 -2.98 -8.81
N LEU A 46 -10.65 -3.69 -9.91
CA LEU A 46 -10.33 -5.12 -9.92
C LEU A 46 -8.83 -5.35 -10.00
N LYS A 47 -8.38 -6.45 -9.37
CA LYS A 47 -7.04 -7.00 -9.61
C LYS A 47 -7.12 -7.67 -10.99
N PRO A 48 -6.11 -7.46 -11.85
CA PRO A 48 -6.17 -7.91 -13.27
C PRO A 48 -6.55 -9.38 -13.49
N HIS A 54 -15.39 -10.33 -13.82
CA HIS A 54 -15.67 -9.68 -12.54
C HIS A 54 -16.05 -8.22 -12.63
N ILE A 55 -15.88 -7.65 -13.83
CA ILE A 55 -16.25 -6.27 -14.08
C ILE A 55 -17.75 -6.11 -13.89
N ALA A 56 -18.52 -7.12 -14.29
CA ALA A 56 -19.96 -7.07 -14.12
C ALA A 56 -20.31 -6.90 -12.65
N ASP A 57 -19.61 -7.63 -11.78
CA ASP A 57 -19.83 -7.53 -10.32
C ASP A 57 -19.47 -6.14 -9.82
N LEU A 58 -18.34 -5.60 -10.29
CA LEU A 58 -17.93 -4.26 -9.93
C LEU A 58 -18.93 -3.21 -10.39
N LYS A 59 -19.34 -3.28 -11.66
CA LYS A 59 -20.38 -2.36 -12.18
C LYS A 59 -21.70 -2.41 -11.38
N LYS A 60 -22.11 -3.61 -10.96
CA LYS A 60 -23.33 -3.76 -10.15
C LYS A 60 -23.14 -3.13 -8.77
N GLU A 61 -21.94 -3.28 -8.20
CA GLU A 61 -21.64 -2.67 -6.93
C GLU A 61 -21.70 -1.12 -7.03
N ILE A 62 -21.11 -0.57 -8.10
CA ILE A 62 -21.13 0.88 -8.37
C ILE A 62 -22.56 1.41 -8.40
N GLU A 63 -23.44 0.74 -9.12
CA GLU A 63 -24.84 1.17 -9.25
C GLU A 63 -25.60 1.08 -7.95
N ILE A 64 -25.27 0.08 -7.12
CA ILE A 64 -25.86 -0.04 -5.79
C ILE A 64 -25.45 1.17 -4.96
N LEU A 65 -24.14 1.35 -4.80
CA LEU A 65 -23.64 2.39 -3.92
C LEU A 65 -24.01 3.79 -4.37
N ARG A 66 -24.05 4.00 -5.68
CA ARG A 66 -24.42 5.29 -6.24
C ARG A 66 -25.79 5.78 -5.78
N ASN A 67 -26.72 4.86 -5.55
CA ASN A 67 -28.08 5.20 -5.17
C ASN A 67 -28.40 5.04 -3.68
N LEU A 68 -27.38 4.83 -2.84
CA LEU A 68 -27.52 4.78 -1.39
C LEU A 68 -27.07 6.12 -0.80
N TYR A 69 -27.96 6.76 -0.04
CA TYR A 69 -27.69 8.07 0.60
C TYR A 69 -28.08 7.94 2.06
N HIS A 70 -27.08 7.80 2.93
CA HIS A 70 -27.32 7.67 4.37
C HIS A 70 -26.08 8.07 5.12
N GLU A 71 -26.25 8.76 6.25
CA GLU A 71 -25.09 9.22 7.06
C GLU A 71 -24.11 8.11 7.52
N ASN A 72 -24.59 6.89 7.67
CA ASN A 72 -23.76 5.72 8.02
C ASN A 72 -23.43 4.73 6.88
N ILE A 73 -23.45 5.24 5.64
N ILE A 73 -23.47 5.22 5.64
CA ILE A 73 -23.03 4.50 4.46
CA ILE A 73 -23.05 4.49 4.46
C ILE A 73 -21.97 5.35 3.79
C ILE A 73 -21.99 5.35 3.77
N VAL A 74 -20.83 4.76 3.47
CA VAL A 74 -19.73 5.51 2.83
C VAL A 74 -20.24 6.20 1.55
N LYS A 75 -19.87 7.46 1.38
CA LYS A 75 -20.29 8.25 0.22
C LYS A 75 -19.65 7.84 -1.10
N TYR A 76 -20.51 7.50 -2.07
CA TYR A 76 -20.12 7.47 -3.49
C TYR A 76 -19.67 8.86 -3.91
N LYS A 77 -18.52 8.95 -4.58
CA LYS A 77 -18.08 10.21 -5.22
C LYS A 77 -18.21 10.15 -6.75
N GLY A 78 -17.97 8.99 -7.36
CA GLY A 78 -18.04 8.89 -8.82
C GLY A 78 -17.35 7.68 -9.40
N ILE A 79 -16.99 7.78 -10.68
CA ILE A 79 -16.29 6.74 -11.41
C ILE A 79 -15.16 7.32 -12.28
N CYS A 80 -14.19 6.47 -12.56
CA CYS A 80 -13.13 6.75 -13.52
C CYS A 80 -13.35 5.64 -14.54
N THR A 81 -13.65 6.04 -15.78
CA THR A 81 -13.90 5.08 -16.86
C THR A 81 -12.85 5.14 -17.93
N GLU A 82 -12.64 3.98 -18.54
CA GLU A 82 -11.70 3.80 -19.65
C GLU A 82 -12.37 4.31 -20.92
N ASP A 83 -11.53 4.65 -21.89
CA ASP A 83 -11.98 5.17 -23.17
C ASP A 83 -11.96 4.03 -24.17
N GLY A 84 -13.14 3.71 -24.73
CA GLY A 84 -13.31 2.54 -25.62
C GLY A 84 -12.92 1.24 -24.96
N GLY A 85 -13.26 1.14 -23.69
CA GLY A 85 -13.03 -0.05 -22.91
C GLY A 85 -14.15 -0.23 -21.92
N ASN A 86 -14.24 -1.44 -21.40
CA ASN A 86 -15.21 -1.77 -20.38
C ASN A 86 -14.61 -1.67 -18.98
N GLY A 87 -13.40 -1.10 -18.87
CA GLY A 87 -12.77 -0.85 -17.57
C GLY A 87 -13.47 0.22 -16.77
N ILE A 88 -13.44 0.09 -15.45
CA ILE A 88 -14.07 1.04 -14.54
C ILE A 88 -13.51 0.97 -13.13
N LYS A 89 -13.50 2.11 -12.46
CA LYS A 89 -13.07 2.23 -11.10
C LYS A 89 -14.16 2.97 -10.30
N LEU A 90 -14.42 2.50 -9.09
CA LEU A 90 -15.35 3.14 -8.15
C LEU A 90 -14.62 4.14 -7.27
N ILE A 91 -15.10 5.38 -7.25
CA ILE A 91 -14.52 6.45 -6.43
C ILE A 91 -15.43 6.79 -5.24
N MET A 92 -14.87 6.68 -4.04
CA MET A 92 -15.58 6.97 -2.81
C MET A 92 -14.83 8.00 -1.98
N GLU A 93 -15.54 8.54 -0.98
CA GLU A 93 -14.87 9.37 0.04
C GLU A 93 -13.85 8.54 0.81
N PHE A 94 -12.75 9.19 1.20
CA PHE A 94 -11.71 8.58 2.02
C PHE A 94 -11.84 9.02 3.47
N LEU A 95 -11.93 8.04 4.38
CA LEU A 95 -11.95 8.19 5.84
C LEU A 95 -10.57 7.81 6.38
N PRO A 96 -9.73 8.82 6.73
CA PRO A 96 -8.35 8.51 7.17
C PRO A 96 -8.19 7.58 8.37
N SER A 97 -9.18 7.56 9.27
CA SER A 97 -9.13 6.67 10.42
C SER A 97 -9.29 5.19 10.09
N GLY A 98 -9.86 4.88 8.93
CA GLY A 98 -9.98 3.49 8.47
C GLY A 98 -11.08 2.70 9.13
N SER A 99 -10.97 1.38 9.04
CA SER A 99 -11.97 0.47 9.60
C SER A 99 -11.84 0.36 11.11
N LEU A 100 -12.89 -0.17 11.73
CA LEU A 100 -12.86 -0.50 13.15
C LEU A 100 -11.70 -1.43 13.46
N LYS A 101 -11.43 -2.35 12.54
CA LYS A 101 -10.31 -3.27 12.67
C LYS A 101 -8.99 -2.54 12.88
N GLU A 102 -8.79 -1.45 12.15
CA GLU A 102 -7.54 -0.67 12.26
C GLU A 102 -7.59 0.31 13.43
N TYR A 103 -8.74 0.95 13.59
CA TYR A 103 -8.95 2.03 14.54
C TYR A 103 -9.09 1.59 15.99
N LEU A 104 -9.95 0.63 16.28
CA LEU A 104 -10.28 0.31 17.67
C LEU A 104 -9.07 -0.07 18.56
N PRO A 105 -8.16 -0.93 18.04
CA PRO A 105 -6.98 -1.25 18.86
C PRO A 105 -6.11 -0.07 19.26
N LYS A 106 -6.08 0.98 18.42
CA LYS A 106 -5.28 2.18 18.65
C LYS A 106 -5.98 3.21 19.51
N ASN A 107 -7.30 3.06 19.72
CA ASN A 107 -8.12 4.11 20.38
C ASN A 107 -9.00 3.64 21.52
N LYS A 108 -8.63 2.55 22.19
CA LYS A 108 -9.40 2.00 23.32
C LYS A 108 -9.68 3.06 24.40
N ASN A 109 -8.68 3.85 24.75
CA ASN A 109 -8.84 4.92 25.75
C ASN A 109 -9.89 5.98 25.36
N LYS A 110 -10.04 6.19 24.06
CA LYS A 110 -11.00 7.16 23.51
C LYS A 110 -12.44 6.61 23.43
N ILE A 111 -12.61 5.30 23.31
CA ILE A 111 -13.90 4.70 22.92
C ILE A 111 -14.40 3.77 24.04
N ASN A 112 -15.28 4.26 24.88
CA ASN A 112 -15.82 3.44 26.00
C ASN A 112 -17.10 2.72 25.58
N LEU A 113 -17.71 2.00 26.51
CA LEU A 113 -18.91 1.24 26.20
C LEU A 113 -20.01 2.05 25.55
N LYS A 114 -20.27 3.25 26.05
CA LYS A 114 -21.33 4.09 25.52
C LYS A 114 -21.10 4.40 24.05
N GLN A 115 -19.84 4.73 23.72
CA GLN A 115 -19.50 5.01 22.33
C GLN A 115 -19.64 3.77 21.45
N GLN A 116 -19.24 2.62 21.96
CA GLN A 116 -19.38 1.35 21.25
C GLN A 116 -20.86 1.10 20.93
N LEU A 117 -21.73 1.34 21.90
CA LEU A 117 -23.17 1.17 21.64
C LEU A 117 -23.69 2.17 20.62
N LYS A 118 -23.17 3.40 20.65
CA LYS A 118 -23.55 4.39 19.65
C LYS A 118 -23.14 4.00 18.24
N TYR A 119 -21.94 3.45 18.10
CA TYR A 119 -21.52 2.84 16.85
C TYR A 119 -22.42 1.69 16.44
N ALA A 120 -22.79 0.84 17.41
CA ALA A 120 -23.74 -0.27 17.16
C ALA A 120 -25.05 0.21 16.52
N VAL A 121 -25.64 1.26 17.12
CA VAL A 121 -26.85 1.89 16.59
C VAL A 121 -26.64 2.41 15.16
N GLN A 122 -25.52 3.09 14.93
CA GLN A 122 -25.22 3.61 13.61
C GLN A 122 -25.13 2.52 12.58
N ILE A 123 -24.45 1.43 12.92
CA ILE A 123 -24.35 0.30 12.03
C ILE A 123 -25.75 -0.24 11.72
N CYS A 124 -26.57 -0.33 12.78
CA CYS A 124 -27.92 -0.85 12.60
C CYS A 124 -28.77 0.04 11.72
N LYS A 125 -28.66 1.38 11.90
CA LYS A 125 -29.34 2.33 11.05
C LYS A 125 -28.94 2.22 9.59
N GLY A 126 -27.64 2.13 9.31
CA GLY A 126 -27.17 1.97 7.95
C GLY A 126 -27.60 0.65 7.31
N MET A 127 -27.57 -0.41 8.10
CA MET A 127 -28.01 -1.72 7.63
C MET A 127 -29.52 -1.76 7.38
N ASP A 128 -30.28 -1.12 8.25
CA ASP A 128 -31.73 -1.08 8.05
C ASP A 128 -32.14 -0.27 6.83
N TYR A 129 -31.40 0.80 6.52
CA TYR A 129 -31.61 1.56 5.29
C TYR A 129 -31.38 0.66 4.07
N LEU A 130 -30.27 -0.08 4.09
CA LEU A 130 -29.95 -1.03 3.03
C LEU A 130 -31.05 -2.08 2.83
N GLY A 131 -31.46 -2.71 3.93
CA GLY A 131 -32.62 -3.62 3.93
C GLY A 131 -33.90 -3.07 3.34
N SER A 132 -34.24 -1.81 3.67
N SER A 132 -34.23 -1.82 3.66
CA SER A 132 -35.43 -1.15 3.09
CA SER A 132 -35.41 -1.15 3.11
C SER A 132 -35.34 -0.94 1.57
C SER A 132 -35.33 -0.91 1.59
N ARG A 133 -34.11 -0.95 1.05
CA ARG A 133 -33.82 -0.88 -0.38
C ARG A 133 -33.79 -2.28 -1.02
N GLN A 134 -34.18 -3.30 -0.25
CA GLN A 134 -34.21 -4.68 -0.70
C GLN A 134 -32.86 -5.27 -1.07
N TYR A 135 -31.85 -4.93 -0.27
CA TYR A 135 -30.51 -5.45 -0.47
C TYR A 135 -30.06 -6.24 0.73
N VAL A 136 -29.31 -7.32 0.46
CA VAL A 136 -28.58 -8.03 1.50
C VAL A 136 -27.09 -7.76 1.33
N HIS A 137 -26.42 -7.47 2.43
CA HIS A 137 -25.03 -7.02 2.40
C HIS A 137 -24.07 -8.20 2.21
N ARG A 138 -24.21 -9.22 3.04
CA ARG A 138 -23.51 -10.51 2.93
C ARG A 138 -22.02 -10.46 3.36
N ASP A 139 -21.58 -9.35 3.93
CA ASP A 139 -20.17 -9.17 4.30
C ASP A 139 -20.05 -8.16 5.44
N LEU A 140 -20.99 -8.19 6.38
CA LEU A 140 -20.96 -7.27 7.51
C LEU A 140 -20.00 -7.80 8.58
N ALA A 141 -18.88 -7.10 8.72
CA ALA A 141 -17.82 -7.40 9.67
C ALA A 141 -17.18 -6.05 10.04
N ALA A 142 -16.49 -6.01 11.16
CA ALA A 142 -15.89 -4.79 11.66
C ALA A 142 -14.84 -4.22 10.70
N ARG A 143 -14.20 -5.07 9.93
N ARG A 143 -14.16 -5.08 9.96
CA ARG A 143 -13.23 -4.62 8.92
CA ARG A 143 -13.21 -4.64 8.90
C ARG A 143 -13.90 -3.75 7.86
C ARG A 143 -13.88 -3.81 7.81
N ASN A 144 -15.20 -3.98 7.63
CA ASN A 144 -15.97 -3.21 6.61
C ASN A 144 -16.77 -2.02 7.17
N VAL A 145 -16.56 -1.68 8.44
CA VAL A 145 -17.15 -0.54 9.07
C VAL A 145 -16.06 0.49 9.23
N LEU A 146 -16.21 1.62 8.54
CA LEU A 146 -15.23 2.71 8.55
C LEU A 146 -15.52 3.69 9.67
N VAL A 147 -14.46 4.27 10.20
CA VAL A 147 -14.56 5.29 11.23
C VAL A 147 -14.47 6.69 10.62
N GLU A 148 -15.58 7.42 10.65
CA GLU A 148 -15.64 8.80 10.20
C GLU A 148 -14.98 9.70 11.24
N SER A 149 -15.26 9.42 12.51
CA SER A 149 -14.69 10.16 13.63
C SER A 149 -14.90 9.36 14.91
N GLU A 150 -14.44 9.87 16.03
CA GLU A 150 -14.78 9.35 17.37
C GLU A 150 -16.30 9.09 17.59
N HIS A 151 -17.12 9.89 16.92
CA HIS A 151 -18.58 9.89 17.11
C HIS A 151 -19.38 9.22 15.99
N GLN A 152 -18.73 8.81 14.90
CA GLN A 152 -19.47 8.33 13.73
C GLN A 152 -18.75 7.23 12.96
N VAL A 153 -19.51 6.18 12.65
CA VAL A 153 -19.08 5.11 11.74
C VAL A 153 -19.94 5.03 10.48
N LYS A 154 -19.40 4.37 9.46
CA LYS A 154 -20.11 4.17 8.20
C LYS A 154 -19.77 2.80 7.63
N ILE A 155 -20.78 2.10 7.12
CA ILE A 155 -20.53 0.83 6.42
C ILE A 155 -19.77 1.17 5.14
N GLY A 156 -18.62 0.55 4.92
CA GLY A 156 -17.66 1.00 3.90
C GLY A 156 -17.35 0.19 2.64
N ASP A 157 -17.97 -0.98 2.47
CA ASP A 157 -17.77 -1.80 1.28
C ASP A 157 -19.06 -2.55 0.96
N PHE A 158 -19.37 -2.70 -0.32
CA PHE A 158 -20.61 -3.37 -0.77
C PHE A 158 -20.31 -4.42 -1.85
N GLY A 159 -19.12 -5.04 -1.75
CA GLY A 159 -18.62 -5.99 -2.75
C GLY A 159 -19.47 -7.22 -3.00
N LEU A 160 -20.15 -7.68 -1.96
CA LEU A 160 -21.02 -8.88 -2.01
C LEU A 160 -22.51 -8.54 -1.92
N THR A 161 -22.84 -7.24 -1.94
CA THR A 161 -24.22 -6.81 -1.81
C THR A 161 -25.06 -7.25 -3.03
N LYS A 162 -26.24 -7.81 -2.74
CA LYS A 162 -27.14 -8.36 -3.73
C LYS A 162 -28.56 -7.96 -3.43
N ALA A 163 -29.35 -7.78 -4.49
CA ALA A 163 -30.77 -7.51 -4.36
C ALA A 163 -31.54 -8.80 -4.03
N ILE A 164 -32.50 -8.70 -3.11
CA ILE A 164 -33.49 -9.74 -2.88
C ILE A 164 -34.71 -9.40 -3.72
N GLU A 165 -35.14 -10.32 -4.59
CA GLU A 165 -36.38 -10.17 -5.37
C GLU A 165 -37.58 -9.92 -4.44
N THR A 166 -38.49 -9.05 -4.88
CA THR A 166 -39.75 -8.82 -4.15
C THR A 166 -40.59 -10.09 -4.27
N ASP A 167 -41.39 -10.35 -3.23
CA ASP A 167 -42.11 -11.64 -3.08
C ASP A 167 -41.15 -12.82 -2.84
N LYS A 168 -39.91 -12.51 -2.44
CA LYS A 168 -38.92 -13.51 -2.07
C LYS A 168 -38.26 -12.97 -0.82
N GLU A 169 -37.90 -13.84 0.10
CA GLU A 169 -37.28 -13.45 1.36
C GLU A 169 -35.76 -13.58 1.32
N PTR A 170 -35.21 -14.13 0.25
CA PTR A 170 -33.76 -14.33 0.20
C PTR A 170 -33.17 -14.35 -1.16
O PTR A 170 -33.87 -14.51 -2.15
CB PTR A 170 -33.41 -15.62 0.95
CG PTR A 170 -34.12 -16.82 0.37
CD1 PTR A 170 -35.40 -17.19 0.78
CD2 PTR A 170 -33.44 -17.58 -0.59
CE1 PTR A 170 -36.01 -18.32 0.23
CE2 PTR A 170 -34.06 -18.71 -1.15
CZ PTR A 170 -35.34 -19.09 -0.74
OH PTR A 170 -35.84 -20.21 -1.37
P PTR A 170 -37.10 -21.11 -0.90
O1P PTR A 170 -37.05 -22.25 -1.89
O2P PTR A 170 -38.27 -20.17 -1.08
O3P PTR A 170 -36.78 -21.54 0.51
N PTR A 171 -31.85 -14.18 -1.20
CA PTR A 171 -31.03 -14.31 -2.42
C PTR A 171 -30.28 -15.62 -2.31
O PTR A 171 -29.66 -15.90 -1.28
CB PTR A 171 -30.03 -13.16 -2.47
CG PTR A 171 -29.06 -13.31 -3.63
CD1 PTR A 171 -27.76 -13.76 -3.42
CD2 PTR A 171 -29.47 -13.00 -4.91
CE1 PTR A 171 -26.87 -13.90 -4.49
CE2 PTR A 171 -28.59 -13.13 -5.98
CZ PTR A 171 -27.28 -13.59 -5.79
OH PTR A 171 -26.36 -13.76 -6.80
P PTR A 171 -26.56 -13.47 -8.39
O1P PTR A 171 -25.42 -14.24 -8.98
O2P PTR A 171 -27.93 -13.98 -8.77
O3P PTR A 171 -26.43 -11.98 -8.54
N THR A 172 -30.30 -16.40 -3.38
CA THR A 172 -29.57 -17.66 -3.43
C THR A 172 -28.20 -17.43 -4.08
N VAL A 173 -27.13 -17.66 -3.31
N VAL A 173 -27.13 -17.66 -3.32
CA VAL A 173 -25.75 -17.39 -3.75
CA VAL A 173 -25.75 -17.38 -3.78
C VAL A 173 -25.13 -18.54 -4.55
C VAL A 173 -25.15 -18.54 -4.55
N LYS A 174 -24.42 -18.21 -5.61
CA LYS A 174 -23.78 -19.18 -6.49
C LYS A 174 -22.27 -19.15 -6.20
N ASP A 175 -21.68 -17.98 -6.37
CA ASP A 175 -20.26 -17.76 -6.11
C ASP A 175 -20.07 -17.56 -4.61
N ASP A 176 -19.49 -18.56 -3.95
CA ASP A 176 -19.33 -18.54 -2.49
C ASP A 176 -17.97 -19.02 -1.96
N ARG A 177 -16.99 -19.29 -2.81
CA ARG A 177 -15.72 -19.85 -2.34
C ARG A 177 -14.98 -18.99 -1.30
N ASP A 178 -15.10 -17.66 -1.40
CA ASP A 178 -14.42 -16.72 -0.51
C ASP A 178 -15.30 -16.11 0.60
N SER A 179 -16.37 -16.81 1.00
CA SER A 179 -17.30 -16.33 2.01
C SER A 179 -16.68 -16.20 3.39
N PRO A 180 -17.12 -15.20 4.19
CA PRO A 180 -16.65 -15.05 5.56
C PRO A 180 -17.49 -15.93 6.49
N VAL A 181 -17.14 -17.21 6.51
CA VAL A 181 -17.95 -18.26 7.15
C VAL A 181 -18.15 -18.02 8.64
N PHE A 182 -17.17 -17.44 9.32
CA PHE A 182 -17.32 -17.18 10.77
C PHE A 182 -18.25 -16.02 11.15
N TRP A 183 -18.76 -15.31 10.14
CA TRP A 183 -19.77 -14.27 10.30
C TRP A 183 -21.16 -14.69 9.77
N TYR A 184 -21.26 -15.91 9.22
CA TYR A 184 -22.43 -16.37 8.45
C TYR A 184 -23.42 -17.16 9.30
N ALA A 185 -24.70 -16.91 9.03
CA ALA A 185 -25.79 -17.60 9.70
C ALA A 185 -25.88 -19.05 9.18
N PRO A 186 -26.48 -19.95 9.98
CA PRO A 186 -26.61 -21.35 9.53
C PRO A 186 -27.23 -21.57 8.14
N GLU A 187 -28.30 -20.84 7.82
CA GLU A 187 -28.92 -20.94 6.49
C GLU A 187 -27.98 -20.60 5.32
N CYS A 188 -27.02 -19.70 5.56
CA CYS A 188 -26.05 -19.31 4.56
C CYS A 188 -25.00 -20.42 4.38
N LEU A 189 -24.56 -20.98 5.50
CA LEU A 189 -23.59 -22.10 5.51
C LEU A 189 -24.19 -23.38 4.95
N MET A 190 -25.43 -23.68 5.35
CA MET A 190 -26.07 -24.94 4.98
C MET A 190 -26.71 -24.92 3.60
N GLN A 191 -27.37 -23.82 3.25
CA GLN A 191 -28.16 -23.74 2.02
C GLN A 191 -27.80 -22.60 1.07
N SER A 192 -26.80 -21.79 1.39
CA SER A 192 -26.43 -20.69 0.49
C SER A 192 -27.62 -19.70 0.25
N LYS A 193 -28.46 -19.54 1.27
CA LYS A 193 -29.61 -18.65 1.18
C LYS A 193 -29.31 -17.50 2.11
N PHE A 194 -29.44 -16.28 1.60
N PHE A 194 -29.43 -16.28 1.59
CA PHE A 194 -29.14 -15.09 2.37
CA PHE A 194 -29.17 -15.06 2.35
C PHE A 194 -30.36 -14.20 2.53
C PHE A 194 -30.41 -14.22 2.52
N TYR A 195 -30.81 -14.03 3.78
CA TYR A 195 -31.99 -13.24 4.14
C TYR A 195 -31.53 -11.91 4.71
N ILE A 196 -32.46 -10.98 4.91
CA ILE A 196 -32.11 -9.81 5.77
C ILE A 196 -31.71 -10.28 7.17
N ALA A 197 -32.44 -11.26 7.71
CA ALA A 197 -32.06 -11.86 8.99
C ALA A 197 -30.62 -12.40 9.05
N SER A 198 -30.11 -12.80 7.90
CA SER A 198 -28.73 -13.28 7.80
C SER A 198 -27.75 -12.16 8.10
N ASP A 199 -28.05 -10.96 7.62
CA ASP A 199 -27.27 -9.76 7.97
C ASP A 199 -27.31 -9.43 9.47
N VAL A 200 -28.46 -9.67 10.12
CA VAL A 200 -28.61 -9.47 11.56
C VAL A 200 -27.67 -10.40 12.32
N TRP A 201 -27.60 -11.67 11.91
CA TRP A 201 -26.63 -12.62 12.48
C TRP A 201 -25.21 -12.06 12.40
N SER A 202 -24.84 -11.63 11.20
CA SER A 202 -23.52 -11.03 10.98
C SER A 202 -23.29 -9.76 11.82
N PHE A 203 -24.34 -8.98 12.05
CA PHE A 203 -24.22 -7.80 12.89
C PHE A 203 -23.85 -8.21 14.32
N GLY A 204 -24.50 -9.27 14.83
CA GLY A 204 -24.18 -9.76 16.17
C GLY A 204 -22.70 -10.10 16.32
N VAL A 205 -22.11 -10.69 15.28
CA VAL A 205 -20.69 -11.05 15.25
C VAL A 205 -19.85 -9.77 15.19
N THR A 206 -20.22 -8.87 14.30
CA THR A 206 -19.66 -7.53 14.25
C THR A 206 -19.69 -6.76 15.59
N LEU A 207 -20.80 -6.81 16.30
CA LEU A 207 -20.89 -6.27 17.65
C LEU A 207 -19.89 -6.91 18.61
N HIS A 208 -19.74 -8.23 18.53
CA HIS A 208 -18.79 -8.93 19.36
C HIS A 208 -17.38 -8.34 19.12
N GLU A 209 -17.03 -8.13 17.86
CA GLU A 209 -15.73 -7.55 17.47
C GLU A 209 -15.55 -6.16 18.05
N LEU A 210 -16.61 -5.36 17.90
CA LEU A 210 -16.63 -3.98 18.40
C LEU A 210 -16.40 -3.94 19.91
N LEU A 211 -17.13 -4.77 20.65
CA LEU A 211 -16.96 -4.88 22.11
C LEU A 211 -15.60 -5.44 22.58
N THR A 212 -14.94 -6.24 21.75
CA THR A 212 -13.58 -6.73 22.04
C THR A 212 -12.48 -5.86 21.41
N TYR A 213 -12.86 -4.68 20.90
CA TYR A 213 -11.93 -3.73 20.28
C TYR A 213 -11.13 -4.33 19.11
N CYS A 214 -11.78 -5.20 18.35
CA CYS A 214 -11.18 -5.93 17.24
C CYS A 214 -9.83 -6.61 17.56
N ASP A 215 -9.67 -7.13 18.76
CA ASP A 215 -8.48 -7.91 19.11
C ASP A 215 -8.48 -9.24 18.34
N SER A 216 -7.37 -9.51 17.64
CA SER A 216 -7.27 -10.68 16.76
C SER A 216 -7.31 -12.00 17.54
N ASP A 217 -6.72 -12.04 18.73
CA ASP A 217 -6.72 -13.23 19.59
C ASP A 217 -8.13 -13.61 20.09
N SER A 218 -9.01 -12.63 20.16
CA SER A 218 -10.42 -12.87 20.50
C SER A 218 -11.37 -12.65 19.31
N SER A 219 -10.87 -12.81 18.09
CA SER A 219 -11.66 -12.61 16.88
C SER A 219 -12.65 -13.77 16.68
N PRO A 220 -13.72 -13.54 15.90
CA PRO A 220 -14.69 -14.60 15.63
C PRO A 220 -14.07 -15.86 15.08
N MET A 221 -13.14 -15.71 14.14
CA MET A 221 -12.42 -16.86 13.61
C MET A 221 -11.68 -17.64 14.70
N ALA A 222 -10.83 -16.94 15.46
CA ALA A 222 -10.03 -17.57 16.53
C ALA A 222 -10.89 -18.20 17.61
N LEU A 223 -11.96 -17.52 18.01
CA LEU A 223 -12.85 -18.05 19.05
C LEU A 223 -13.56 -19.33 18.59
N PHE A 224 -14.15 -19.29 17.41
CA PHE A 224 -14.80 -20.49 16.85
C PHE A 224 -13.84 -21.65 16.62
N LEU A 225 -12.64 -21.35 16.15
CA LEU A 225 -11.62 -22.38 15.98
C LEU A 225 -11.20 -23.03 17.30
N LYS A 226 -11.22 -22.26 18.39
CA LYS A 226 -11.01 -22.80 19.74
C LYS A 226 -12.11 -23.80 20.12
N MET A 227 -13.36 -23.51 19.74
CA MET A 227 -14.50 -24.39 20.02
C MET A 227 -14.49 -25.66 19.19
N ILE A 228 -14.45 -25.51 17.88
CA ILE A 228 -14.57 -26.65 16.96
C ILE A 228 -13.27 -27.42 16.74
N GLY A 229 -12.14 -26.70 16.71
CA GLY A 229 -10.83 -27.27 16.45
C GLY A 229 -10.15 -26.47 15.35
N PRO A 230 -8.86 -26.12 15.53
CA PRO A 230 -8.13 -25.35 14.50
C PRO A 230 -7.71 -26.07 13.20
N THR A 231 -7.64 -27.40 13.19
CA THR A 231 -7.08 -28.14 12.01
C THR A 231 -8.02 -29.18 11.40
N HIS A 232 -9.29 -28.80 11.21
CA HIS A 232 -10.27 -29.64 10.51
C HIS A 232 -10.35 -29.39 9.00
N GLY A 233 -9.57 -28.43 8.50
CA GLY A 233 -9.40 -28.22 7.06
C GLY A 233 -10.69 -27.96 6.30
N GLN A 234 -10.94 -28.80 5.29
CA GLN A 234 -12.15 -28.68 4.45
C GLN A 234 -13.47 -29.04 5.16
N MET A 235 -13.38 -29.60 6.37
CA MET A 235 -14.53 -29.95 7.19
C MET A 235 -14.89 -28.88 8.23
N THR A 236 -14.24 -27.72 8.18
CA THR A 236 -14.45 -26.65 9.16
C THR A 236 -15.89 -26.12 9.16
N VAL A 237 -16.44 -25.90 7.97
CA VAL A 237 -17.76 -25.33 7.82
C VAL A 237 -18.85 -26.29 8.31
N THR A 238 -18.72 -27.58 7.99
CA THR A 238 -19.65 -28.57 8.54
C THR A 238 -19.56 -28.71 10.07
N ARG A 239 -18.34 -28.64 10.61
CA ARG A 239 -18.17 -28.65 12.08
C ARG A 239 -18.70 -27.39 12.73
N LEU A 240 -18.52 -26.26 12.05
CA LEU A 240 -19.11 -25.01 12.49
C LEU A 240 -20.65 -25.14 12.53
N VAL A 241 -21.24 -25.61 11.43
CA VAL A 241 -22.69 -25.83 11.34
C VAL A 241 -23.15 -26.72 12.49
N ASN A 242 -22.42 -27.81 12.71
CA ASN A 242 -22.77 -28.74 13.77
C ASN A 242 -22.76 -28.08 15.15
N THR A 243 -21.74 -27.29 15.43
CA THR A 243 -21.64 -26.58 16.69
C THR A 243 -22.80 -25.60 16.88
N LEU A 244 -23.16 -24.91 15.81
CA LEU A 244 -24.27 -23.96 15.83
C LEU A 244 -25.60 -24.68 16.07
N LYS A 245 -25.80 -25.81 15.40
CA LYS A 245 -26.98 -26.66 15.61
C LYS A 245 -27.19 -27.04 17.08
N GLU A 246 -26.08 -27.32 17.77
CA GLU A 246 -26.09 -27.65 19.20
C GLU A 246 -26.35 -26.46 20.12
N GLY A 247 -26.35 -25.25 19.58
CA GLY A 247 -26.72 -24.05 20.32
C GLY A 247 -25.56 -23.25 20.88
N LYS A 248 -24.32 -23.69 20.64
CA LYS A 248 -23.15 -22.99 21.13
C LYS A 248 -22.90 -21.73 20.28
N ARG A 249 -22.42 -20.69 20.95
CA ARG A 249 -22.24 -19.37 20.36
C ARG A 249 -20.97 -18.76 20.91
N LEU A 250 -20.54 -17.67 20.29
CA LEU A 250 -19.41 -16.87 20.77
C LEU A 250 -19.72 -16.38 22.18
N PRO A 251 -18.71 -16.42 23.08
CA PRO A 251 -18.95 -16.05 24.47
C PRO A 251 -19.10 -14.55 24.66
N CYS A 252 -19.54 -14.17 25.85
CA CYS A 252 -19.68 -12.78 26.23
C CYS A 252 -18.30 -12.09 26.21
N PRO A 253 -18.18 -10.93 25.53
CA PRO A 253 -16.91 -10.21 25.58
C PRO A 253 -16.52 -9.79 27.00
N PRO A 254 -15.20 -9.60 27.24
CA PRO A 254 -14.76 -9.01 28.51
C PRO A 254 -15.42 -7.66 28.75
N ASN A 255 -15.93 -7.47 29.96
CA ASN A 255 -16.56 -6.22 30.41
C ASN A 255 -17.84 -5.81 29.69
N CYS A 256 -18.45 -6.72 28.94
CA CYS A 256 -19.73 -6.47 28.28
C CYS A 256 -20.85 -6.87 29.25
N PRO A 257 -21.74 -5.93 29.63
CA PRO A 257 -22.86 -6.34 30.49
C PRO A 257 -23.82 -7.31 29.82
N ASP A 258 -24.48 -8.13 30.66
CA ASP A 258 -25.35 -9.21 30.19
C ASP A 258 -26.44 -8.71 29.24
N GLU A 259 -26.99 -7.53 29.51
CA GLU A 259 -28.07 -6.94 28.68
C GLU A 259 -27.65 -6.58 27.25
N VAL A 260 -26.40 -6.17 27.07
CA VAL A 260 -25.81 -6.03 25.73
C VAL A 260 -25.62 -7.42 25.10
N TYR A 261 -25.07 -8.35 25.87
CA TYR A 261 -24.88 -9.74 25.41
C TYR A 261 -26.21 -10.43 25.04
N GLN A 262 -27.29 -10.18 25.78
CA GLN A 262 -28.58 -10.77 25.44
C GLN A 262 -29.14 -10.23 24.11
N LEU A 263 -28.83 -8.97 23.79
CA LEU A 263 -29.20 -8.38 22.51
C LEU A 263 -28.42 -9.07 21.40
N MET A 264 -27.15 -9.32 21.68
CA MET A 264 -26.28 -10.02 20.75
C MET A 264 -26.79 -11.45 20.51
N ARG A 265 -27.23 -12.11 21.56
CA ARG A 265 -27.77 -13.47 21.44
C ARG A 265 -29.02 -13.56 20.57
N LYS A 266 -29.82 -12.50 20.55
CA LYS A 266 -31.02 -12.42 19.71
C LYS A 266 -30.69 -12.40 18.21
N CYS A 267 -29.53 -11.87 17.87
CA CYS A 267 -29.03 -11.92 16.51
C CYS A 267 -28.70 -13.35 16.04
N TRP A 268 -28.51 -14.26 17.01
CA TRP A 268 -28.01 -15.60 16.76
C TRP A 268 -29.04 -16.72 17.01
N GLU A 269 -30.32 -16.38 16.89
CA GLU A 269 -31.39 -17.40 16.90
C GLU A 269 -31.19 -18.25 15.64
N PHE A 270 -31.25 -19.57 15.81
CA PHE A 270 -30.93 -20.49 14.71
C PHE A 270 -31.74 -20.23 13.45
N GLN A 271 -33.05 -20.17 13.60
CA GLN A 271 -33.95 -19.89 12.47
C GLN A 271 -33.96 -18.42 12.11
N PRO A 272 -33.83 -18.10 10.79
CA PRO A 272 -33.84 -16.70 10.41
C PRO A 272 -35.13 -15.96 10.72
N SER A 273 -36.26 -16.64 10.63
CA SER A 273 -37.57 -16.03 10.95
C SER A 273 -37.81 -15.70 12.43
N ASN A 274 -36.94 -16.17 13.33
CA ASN A 274 -37.03 -15.86 14.76
C ASN A 274 -36.05 -14.80 15.27
N ARG A 275 -35.10 -14.37 14.43
CA ARG A 275 -34.12 -13.40 14.86
C ARG A 275 -34.72 -12.03 15.02
N THR A 276 -34.07 -11.25 15.89
CA THR A 276 -34.36 -9.84 16.04
C THR A 276 -34.13 -9.09 14.73
N SER A 277 -34.65 -7.88 14.68
CA SER A 277 -34.55 -7.03 13.53
C SER A 277 -33.60 -5.91 13.90
N PHE A 278 -33.12 -5.19 12.90
CA PHE A 278 -32.28 -4.01 13.13
C PHE A 278 -33.00 -2.92 13.91
N GLN A 279 -34.27 -2.67 13.59
CA GLN A 279 -35.04 -1.66 14.34
C GLN A 279 -35.22 -2.03 15.83
N ASN A 280 -35.37 -3.32 16.08
CA ASN A 280 -35.50 -3.82 17.45
C ASN A 280 -34.18 -3.68 18.22
N LEU A 281 -33.08 -3.98 17.54
CA LEU A 281 -31.76 -3.74 18.12
C LEU A 281 -31.58 -2.30 18.51
N ILE A 282 -31.89 -1.38 17.60
CA ILE A 282 -31.76 0.08 17.81
C ILE A 282 -32.52 0.52 19.07
N GLU A 283 -33.76 0.06 19.21
CA GLU A 283 -34.55 0.37 20.38
C GLU A 283 -33.89 -0.16 21.66
N GLY A 284 -33.38 -1.39 21.60
CA GLY A 284 -32.71 -2.00 22.74
C GLY A 284 -31.44 -1.27 23.15
N PHE A 285 -30.59 -0.90 22.18
CA PHE A 285 -29.41 -0.11 22.47
C PHE A 285 -29.72 1.26 23.01
N GLU A 286 -30.71 1.94 22.41
CA GLU A 286 -31.17 3.25 22.89
C GLU A 286 -31.62 3.22 24.35
N ALA A 287 -32.37 2.19 24.74
CA ALA A 287 -32.76 1.98 26.14
C ALA A 287 -31.57 1.98 27.11
N LEU A 288 -30.48 1.34 26.70
CA LEU A 288 -29.24 1.32 27.52
C LEU A 288 -28.53 2.67 27.57
N LEU A 289 -28.59 3.40 26.46
CA LEU A 289 -27.98 4.74 26.33
C LEU A 289 -28.71 5.89 27.04
N LYS A 290 -29.95 5.68 27.46
CA LYS A 290 -30.70 6.65 28.27
C LYS A 290 -30.18 6.65 29.71
N VAL B 1 19.14 28.97 -30.60
CA VAL B 1 19.89 27.97 -29.76
C VAL B 1 18.97 27.26 -28.75
N ASP B 2 19.38 26.07 -28.36
CA ASP B 2 18.71 25.28 -27.34
C ASP B 2 19.64 25.08 -26.14
N PRO B 3 19.28 25.59 -24.95
CA PRO B 3 20.13 25.38 -23.76
C PRO B 3 20.23 23.92 -23.27
N THR B 4 19.31 23.06 -23.71
CA THR B 4 19.40 21.61 -23.43
C THR B 4 20.24 20.81 -24.46
N HIS B 5 20.79 21.50 -25.47
CA HIS B 5 21.62 20.90 -26.50
C HIS B 5 23.07 21.17 -26.15
N PHE B 6 23.78 20.12 -25.75
CA PHE B 6 25.17 20.21 -25.35
C PHE B 6 26.06 19.64 -26.47
N GLU B 7 26.82 20.50 -27.17
CA GLU B 7 27.74 20.05 -28.22
C GLU B 7 28.97 19.30 -27.65
N LYS B 8 29.29 18.15 -28.25
CA LYS B 8 30.37 17.28 -27.79
C LYS B 8 31.72 18.01 -27.70
N ARG B 9 32.08 18.78 -28.73
CA ARG B 9 33.36 19.50 -28.73
C ARG B 9 33.55 20.52 -27.59
N PHE B 10 32.47 20.98 -26.96
CA PHE B 10 32.57 21.89 -25.80
C PHE B 10 32.38 21.21 -24.45
N LEU B 11 32.08 19.92 -24.46
CA LEU B 11 31.77 19.22 -23.23
C LEU B 11 33.05 18.53 -22.80
N LYS B 12 33.76 19.13 -21.85
CA LYS B 12 35.11 18.74 -21.46
C LYS B 12 35.16 18.03 -20.11
N ARG B 13 35.73 16.83 -20.11
CA ARG B 13 35.78 15.95 -18.95
C ARG B 13 36.77 16.46 -17.91
N ILE B 14 36.32 16.52 -16.67
CA ILE B 14 37.17 16.93 -15.55
C ILE B 14 37.65 15.70 -14.79
N ARG B 15 36.71 14.86 -14.35
N ARG B 15 36.71 14.86 -14.35
CA ARG B 15 37.05 13.63 -13.63
CA ARG B 15 37.05 13.64 -13.63
C ARG B 15 35.86 12.67 -13.54
C ARG B 15 35.87 12.67 -13.55
N ASP B 16 36.15 11.43 -13.16
CA ASP B 16 35.10 10.43 -12.93
C ASP B 16 34.32 10.71 -11.65
N LEU B 17 33.01 10.49 -11.71
CA LEU B 17 32.16 10.50 -10.51
C LEU B 17 31.75 9.08 -10.04
N GLY B 18 31.55 8.16 -10.99
CA GLY B 18 31.29 6.74 -10.65
C GLY B 18 30.94 5.97 -11.89
N GLU B 19 31.09 4.65 -11.86
CA GLU B 19 30.93 3.83 -13.08
C GLU B 19 30.45 2.42 -12.79
N GLY B 20 29.65 1.89 -13.71
CA GLY B 20 29.19 0.50 -13.68
C GLY B 20 29.95 -0.33 -14.71
N HIS B 21 29.41 -1.52 -14.98
CA HIS B 21 29.95 -2.40 -16.01
C HIS B 21 29.78 -1.78 -17.39
N PHE B 22 28.61 -1.20 -17.64
CA PHE B 22 28.25 -0.66 -18.96
C PHE B 22 27.93 0.84 -19.03
N GLY B 23 28.03 1.56 -17.91
CA GLY B 23 27.77 3.01 -17.86
C GLY B 23 28.74 3.75 -16.95
N LYS B 24 28.76 5.09 -17.07
CA LYS B 24 29.62 5.91 -16.23
C LYS B 24 29.17 7.36 -16.15
N VAL B 25 29.36 7.95 -14.98
CA VAL B 25 29.06 9.37 -14.76
C VAL B 25 30.39 10.15 -14.53
N GLU B 26 30.60 11.21 -15.30
CA GLU B 26 31.80 12.07 -15.19
C GLU B 26 31.40 13.51 -14.92
N LEU B 27 32.23 14.22 -14.18
CA LEU B 27 32.12 15.66 -14.03
C LEU B 27 32.71 16.29 -15.28
N CYS B 28 31.94 17.13 -15.94
CA CYS B 28 32.35 17.86 -17.14
C CYS B 28 32.09 19.35 -16.99
N ARG B 29 32.88 20.17 -17.68
CA ARG B 29 32.59 21.60 -17.84
C ARG B 29 32.15 21.78 -19.28
N TYR B 30 30.97 22.36 -19.46
CA TYR B 30 30.48 22.71 -20.79
C TYR B 30 30.98 24.11 -21.11
N ASP B 31 31.95 24.21 -22.01
CA ASP B 31 32.72 25.42 -22.15
C ASP B 31 32.79 25.89 -23.61
N PRO B 32 31.65 26.32 -24.18
CA PRO B 32 31.57 26.76 -25.60
C PRO B 32 32.39 27.99 -25.97
N GLU B 33 32.66 28.87 -25.01
CA GLU B 33 33.55 30.00 -25.24
C GLU B 33 35.02 29.62 -25.11
N GLY B 34 35.30 28.48 -24.49
CA GLY B 34 36.64 27.90 -24.45
C GLY B 34 37.68 28.52 -23.52
N ASP B 35 37.23 29.32 -22.54
CA ASP B 35 38.13 29.99 -21.56
C ASP B 35 37.99 29.43 -20.15
N ASN B 36 37.47 28.22 -20.05
CA ASN B 36 37.28 27.53 -18.78
C ASN B 36 36.31 28.26 -17.83
N THR B 37 35.26 28.87 -18.40
CA THR B 37 34.24 29.57 -17.60
C THR B 37 32.88 28.92 -17.58
N GLY B 38 32.67 27.88 -18.38
CA GLY B 38 31.37 27.25 -18.48
C GLY B 38 30.95 26.52 -17.20
N GLU B 39 29.69 26.09 -17.16
CA GLU B 39 29.14 25.44 -15.99
C GLU B 39 29.57 23.97 -15.89
N GLN B 40 29.78 23.54 -14.65
CA GLN B 40 30.06 22.15 -14.34
C GLN B 40 28.76 21.33 -14.38
N VAL B 41 28.78 20.18 -15.06
CA VAL B 41 27.63 19.30 -15.18
C VAL B 41 28.08 17.83 -14.99
N ALA B 42 27.13 17.01 -14.56
CA ALA B 42 27.30 15.58 -14.45
C ALA B 42 26.85 14.98 -15.78
N VAL B 43 27.67 14.10 -16.36
CA VAL B 43 27.43 13.56 -17.69
C VAL B 43 27.45 12.06 -17.60
N LYS B 44 26.35 11.42 -17.99
N LYS B 44 26.35 11.42 -17.99
CA LYS B 44 26.23 9.96 -18.01
CA LYS B 44 26.23 9.96 -18.01
C LYS B 44 26.38 9.47 -19.44
C LYS B 44 26.38 9.48 -19.44
N SER B 45 27.30 8.53 -19.65
CA SER B 45 27.53 7.94 -20.96
C SER B 45 27.72 6.45 -20.86
N LEU B 46 27.48 5.76 -21.97
CA LEU B 46 27.68 4.32 -22.06
C LEU B 46 29.14 4.05 -22.34
N LYS B 47 29.61 2.88 -21.89
CA LYS B 47 30.96 2.41 -22.24
C LYS B 47 30.94 1.91 -23.69
N PRO B 48 31.97 2.24 -24.51
CA PRO B 48 31.95 1.81 -25.92
C PRO B 48 31.68 0.32 -26.14
N ASN B 53 23.30 -3.12 -26.83
CA ASN B 53 21.90 -2.67 -26.77
C ASN B 53 21.56 -1.76 -25.57
N HIS B 54 22.53 -0.99 -25.09
CA HIS B 54 22.30 -0.10 -23.95
C HIS B 54 21.88 1.30 -24.36
N ILE B 55 22.05 1.65 -25.64
CA ILE B 55 21.68 2.98 -26.14
C ILE B 55 20.17 3.18 -26.03
N ALA B 56 19.39 2.15 -26.38
CA ALA B 56 17.95 2.22 -26.21
C ALA B 56 17.60 2.49 -24.76
N ASP B 57 18.24 1.77 -23.84
CA ASP B 57 17.97 1.94 -22.41
C ASP B 57 18.27 3.35 -21.96
N LEU B 58 19.45 3.86 -22.35
CA LEU B 58 19.83 5.23 -21.99
C LEU B 58 18.88 6.28 -22.55
N LYS B 59 18.44 6.14 -23.79
CA LYS B 59 17.44 7.05 -24.36
C LYS B 59 16.12 7.03 -23.59
N LYS B 60 15.69 5.85 -23.16
CA LYS B 60 14.47 5.75 -22.34
C LYS B 60 14.70 6.38 -20.96
N GLU B 61 15.87 6.15 -20.37
CA GLU B 61 16.23 6.78 -19.10
C GLU B 61 16.17 8.31 -19.20
N ILE B 62 16.72 8.85 -20.29
CA ILE B 62 16.71 10.29 -20.53
C ILE B 62 15.28 10.83 -20.59
N GLU B 63 14.41 10.14 -21.30
CA GLU B 63 13.01 10.59 -21.45
C GLU B 63 12.23 10.48 -20.14
N ILE B 64 12.53 9.47 -19.34
CA ILE B 64 12.00 9.41 -17.99
C ILE B 64 12.45 10.64 -17.19
N LEU B 65 13.76 10.84 -17.07
CA LEU B 65 14.29 11.86 -16.18
C LEU B 65 13.88 13.28 -16.57
N ARG B 66 13.92 13.55 -17.88
CA ARG B 66 13.55 14.84 -18.44
C ARG B 66 12.15 15.26 -17.98
N ASN B 67 11.26 14.29 -17.83
CA ASN B 67 9.87 14.57 -17.45
C ASN B 67 9.53 14.37 -15.98
N LEU B 68 10.53 14.11 -15.15
CA LEU B 68 10.32 14.03 -13.72
C LEU B 68 10.63 15.40 -13.12
N TYR B 69 9.72 15.89 -12.28
CA TYR B 69 9.85 17.18 -11.61
C TYR B 69 9.52 17.05 -10.12
N HIS B 70 10.56 17.05 -9.30
CA HIS B 70 10.41 16.90 -7.83
C HIS B 70 11.70 17.37 -7.17
N GLU B 71 11.57 18.05 -6.01
CA GLU B 71 12.76 18.57 -5.34
C GLU B 71 13.75 17.51 -4.83
N ASN B 72 13.30 16.26 -4.71
CA ASN B 72 14.14 15.13 -4.25
C ASN B 72 14.47 14.15 -5.40
N ILE B 73 14.39 14.63 -6.65
CA ILE B 73 14.82 13.92 -7.84
C ILE B 73 15.84 14.82 -8.57
N VAL B 74 17.00 14.25 -8.88
CA VAL B 74 18.04 15.01 -9.59
C VAL B 74 17.53 15.61 -10.91
N LYS B 75 17.96 16.84 -11.20
CA LYS B 75 17.48 17.62 -12.35
C LYS B 75 18.18 17.25 -13.65
N TYR B 76 17.37 16.92 -14.63
CA TYR B 76 17.82 16.88 -16.02
C TYR B 76 18.29 18.26 -16.50
N LYS B 77 19.41 18.31 -17.19
CA LYS B 77 19.87 19.54 -17.86
C LYS B 77 19.83 19.46 -19.38
N GLY B 78 20.11 18.29 -19.94
CA GLY B 78 20.10 18.16 -21.40
C GLY B 78 20.66 16.83 -21.93
N ILE B 79 20.98 16.84 -23.22
CA ILE B 79 21.60 15.72 -23.90
C ILE B 79 22.78 16.17 -24.80
N CYS B 80 23.69 15.25 -25.05
CA CYS B 80 24.74 15.45 -26.03
C CYS B 80 24.55 14.33 -27.00
N THR B 81 24.17 14.69 -28.23
CA THR B 81 23.96 13.73 -29.29
C THR B 81 25.15 13.69 -30.21
N GLU B 82 25.44 12.46 -30.56
CA GLU B 82 26.60 12.10 -31.34
C GLU B 82 26.42 12.47 -32.79
N ASP B 83 27.37 13.26 -33.30
CA ASP B 83 27.41 13.65 -34.70
C ASP B 83 27.56 12.41 -35.55
N GLY B 84 28.38 11.47 -35.07
CA GLY B 84 28.60 10.20 -35.73
C GLY B 84 27.33 9.41 -35.97
N GLY B 85 26.44 9.36 -34.98
CA GLY B 85 25.21 8.60 -35.12
C GLY B 85 24.32 8.43 -33.90
N ASN B 86 24.11 7.16 -33.55
CA ASN B 86 23.17 6.68 -32.53
C ASN B 86 23.42 7.06 -31.07
N GLY B 87 24.69 7.25 -30.73
CA GLY B 87 25.11 7.52 -29.35
C GLY B 87 24.56 8.80 -28.76
N ILE B 88 24.38 8.78 -27.44
CA ILE B 88 23.84 9.90 -26.72
C ILE B 88 24.41 9.92 -25.31
N LYS B 89 24.44 11.11 -24.71
CA LYS B 89 24.88 11.29 -23.31
C LYS B 89 23.82 12.07 -22.56
N LEU B 90 23.58 11.69 -21.30
CA LEU B 90 22.61 12.35 -20.42
C LEU B 90 23.36 13.39 -19.60
N ILE B 91 22.92 14.65 -19.67
CA ILE B 91 23.51 15.75 -18.90
C ILE B 91 22.59 16.12 -17.73
N MET B 92 23.15 16.13 -16.53
CA MET B 92 22.43 16.40 -15.30
C MET B 92 23.12 17.49 -14.49
N GLU B 93 22.39 18.03 -13.52
CA GLU B 93 22.99 18.94 -12.53
C GLU B 93 24.04 18.22 -11.71
N PHE B 94 25.12 18.95 -11.40
CA PHE B 94 26.21 18.46 -10.58
C PHE B 94 26.02 18.91 -9.13
N LEU B 95 26.00 17.93 -8.22
CA LEU B 95 25.95 18.07 -6.79
C LEU B 95 27.31 17.68 -6.21
N PRO B 96 28.15 18.69 -5.89
CA PRO B 96 29.51 18.47 -5.34
C PRO B 96 29.61 17.53 -4.18
N SER B 97 28.63 17.55 -3.26
CA SER B 97 28.75 16.71 -2.05
C SER B 97 28.67 15.21 -2.31
N GLY B 98 28.16 14.80 -3.46
CA GLY B 98 28.18 13.39 -3.84
C GLY B 98 27.07 12.58 -3.23
N SER B 99 27.18 11.26 -3.37
CA SER B 99 26.15 10.38 -2.83
C SER B 99 26.27 10.22 -1.32
N LEU B 100 25.24 9.65 -0.71
CA LEU B 100 25.32 9.28 0.70
C LEU B 100 26.50 8.34 1.05
N LYS B 101 26.91 7.49 0.11
CA LYS B 101 28.09 6.63 0.26
C LYS B 101 29.36 7.43 0.51
N GLU B 102 29.57 8.51 -0.23
CA GLU B 102 30.70 9.41 -0.05
C GLU B 102 30.49 10.34 1.13
N TYR B 103 29.28 10.87 1.26
CA TYR B 103 29.01 11.95 2.18
C TYR B 103 28.88 11.52 3.66
N LEU B 104 28.15 10.45 3.92
CA LEU B 104 27.87 10.06 5.31
C LEU B 104 29.07 9.68 6.15
N PRO B 105 30.02 8.89 5.60
CA PRO B 105 31.23 8.61 6.40
C PRO B 105 32.07 9.84 6.74
N LYS B 106 32.00 10.88 5.91
CA LYS B 106 32.72 12.14 6.14
C LYS B 106 31.98 13.13 7.05
N ASN B 107 30.65 13.01 7.16
CA ASN B 107 29.83 14.01 7.87
C ASN B 107 28.99 13.41 8.99
N LYS B 108 29.62 12.49 9.68
CA LYS B 108 29.03 11.77 10.79
C LYS B 108 28.73 12.73 11.97
N ASN B 109 29.65 13.64 12.24
CA ASN B 109 29.50 14.61 13.32
C ASN B 109 28.35 15.62 13.20
N LYS B 110 27.96 15.96 11.98
CA LYS B 110 26.87 16.91 11.74
C LYS B 110 25.54 16.29 11.31
N ILE B 111 25.47 14.97 11.22
CA ILE B 111 24.23 14.28 10.77
C ILE B 111 23.71 13.33 11.85
N ASN B 112 22.79 13.82 12.68
CA ASN B 112 22.22 12.99 13.76
C ASN B 112 21.01 12.16 13.29
N LEU B 113 20.41 11.39 14.19
CA LEU B 113 19.22 10.62 13.87
C LEU B 113 18.10 11.46 13.23
N LYS B 114 17.86 12.65 13.75
CA LYS B 114 16.83 13.55 13.20
C LYS B 114 17.04 13.84 11.69
N GLN B 115 18.25 14.21 11.35
CA GLN B 115 18.59 14.48 9.95
C GLN B 115 18.54 13.22 9.08
N GLN B 116 18.93 12.08 9.63
CA GLN B 116 18.83 10.80 8.91
C GLN B 116 17.36 10.48 8.61
N LEU B 117 16.47 10.73 9.58
CA LEU B 117 15.04 10.49 9.35
C LEU B 117 14.45 11.49 8.34
N LYS B 118 14.93 12.73 8.36
CA LYS B 118 14.54 13.71 7.35
C LYS B 118 15.01 13.33 5.95
N TYR B 119 16.25 12.82 5.80
CA TYR B 119 16.67 12.23 4.51
C TYR B 119 15.79 11.06 4.10
N ALA B 120 15.49 10.20 5.05
CA ALA B 120 14.60 9.09 4.81
C ALA B 120 13.22 9.57 4.27
N VAL B 121 12.65 10.60 4.90
CA VAL B 121 11.37 11.18 4.42
C VAL B 121 11.52 11.74 2.98
N GLN B 122 12.62 12.42 2.70
CA GLN B 122 12.86 12.96 1.36
C GLN B 122 12.95 11.86 0.31
N ILE B 123 13.70 10.80 0.62
CA ILE B 123 13.78 9.65 -0.29
C ILE B 123 12.38 9.10 -0.54
N CYS B 124 11.60 8.91 0.53
CA CYS B 124 10.19 8.45 0.42
C CYS B 124 9.30 9.36 -0.42
N LYS B 125 9.47 10.68 -0.29
CA LYS B 125 8.74 11.63 -1.11
C LYS B 125 9.08 11.52 -2.57
N GLY B 126 10.37 11.46 -2.88
CA GLY B 126 10.79 11.21 -4.26
C GLY B 126 10.27 9.90 -4.83
N MET B 127 10.23 8.86 -4.01
CA MET B 127 9.82 7.52 -4.44
C MET B 127 8.34 7.45 -4.60
N ASP B 128 7.61 8.13 -3.71
CA ASP B 128 6.16 8.18 -3.80
C ASP B 128 5.77 8.90 -5.10
N TYR B 129 6.46 10.00 -5.38
CA TYR B 129 6.22 10.72 -6.62
C TYR B 129 6.51 9.85 -7.82
N LEU B 130 7.62 9.11 -7.79
CA LEU B 130 7.95 8.22 -8.90
C LEU B 130 6.88 7.13 -9.09
N GLY B 131 6.44 6.55 -7.97
CA GLY B 131 5.39 5.54 -8.00
C GLY B 131 4.08 6.03 -8.59
N SER B 132 3.73 7.28 -8.30
CA SER B 132 2.49 7.88 -8.82
C SER B 132 2.51 8.00 -10.33
N ARG B 133 3.71 8.04 -10.90
CA ARG B 133 3.95 8.12 -12.31
C ARG B 133 4.09 6.74 -12.95
N GLN B 134 3.79 5.72 -12.15
CA GLN B 134 3.84 4.30 -12.53
C GLN B 134 5.21 3.82 -12.96
N TYR B 135 6.23 4.29 -12.25
CA TYR B 135 7.61 3.84 -12.43
C TYR B 135 8.06 2.99 -11.25
N VAL B 136 8.82 1.94 -11.55
CA VAL B 136 9.55 1.18 -10.57
C VAL B 136 11.02 1.53 -10.80
N HIS B 137 11.70 1.95 -9.74
CA HIS B 137 13.08 2.45 -9.84
C HIS B 137 14.13 1.33 -10.05
N ARG B 138 14.03 0.30 -9.22
CA ARG B 138 14.80 -0.93 -9.33
C ARG B 138 16.27 -0.85 -8.92
N ASP B 139 16.69 0.30 -8.41
CA ASP B 139 18.08 0.49 -8.03
C ASP B 139 18.16 1.46 -6.86
N LEU B 140 17.22 1.35 -5.92
CA LEU B 140 17.22 2.27 -4.80
C LEU B 140 18.24 1.82 -3.78
N ALA B 141 19.32 2.57 -3.69
CA ALA B 141 20.37 2.30 -2.74
C ALA B 141 21.03 3.63 -2.33
N ALA B 142 21.65 3.66 -1.16
CA ALA B 142 22.30 4.87 -0.67
C ALA B 142 23.25 5.49 -1.68
N ARG B 143 23.96 4.66 -2.43
N ARG B 143 23.97 4.67 -2.43
CA ARG B 143 24.92 5.12 -3.43
CA ARG B 143 24.93 5.15 -3.42
C ARG B 143 24.29 5.96 -4.55
C ARG B 143 24.28 5.96 -4.56
N ASN B 144 22.98 5.76 -4.79
CA ASN B 144 22.23 6.51 -5.81
C ASN B 144 21.40 7.69 -5.26
N VAL B 145 21.59 8.03 -3.98
CA VAL B 145 20.99 9.23 -3.38
C VAL B 145 22.08 10.28 -3.24
N LEU B 146 21.93 11.38 -3.96
CA LEU B 146 22.84 12.52 -3.92
C LEU B 146 22.49 13.51 -2.82
N VAL B 147 23.52 14.15 -2.28
CA VAL B 147 23.37 15.16 -1.26
C VAL B 147 23.41 16.52 -1.92
N GLU B 148 22.29 17.23 -1.88
CA GLU B 148 22.16 18.61 -2.35
C GLU B 148 22.81 19.58 -1.34
N SER B 149 22.48 19.39 -0.08
CA SER B 149 23.08 20.14 1.01
C SER B 149 22.94 19.30 2.27
N GLU B 150 23.43 19.83 3.39
CA GLU B 150 23.22 19.17 4.67
C GLU B 150 21.74 18.79 4.90
N HIS B 151 20.82 19.62 4.42
CA HIS B 151 19.36 19.45 4.72
C HIS B 151 18.55 18.86 3.58
N GLN B 152 19.19 18.50 2.47
CA GLN B 152 18.44 18.05 1.29
C GLN B 152 19.13 16.94 0.49
N VAL B 153 18.39 15.87 0.21
CA VAL B 153 18.89 14.81 -0.69
C VAL B 153 18.02 14.66 -1.96
N LYS B 154 18.63 14.10 -3.00
CA LYS B 154 17.98 13.83 -4.28
C LYS B 154 18.28 12.43 -4.81
N ILE B 155 17.26 11.73 -5.28
CA ILE B 155 17.47 10.47 -6.00
C ILE B 155 18.18 10.81 -7.31
N GLY B 156 19.37 10.23 -7.50
CA GLY B 156 20.29 10.65 -8.55
C GLY B 156 20.67 9.77 -9.72
N ASP B 157 19.99 8.62 -9.89
N ASP B 157 20.03 8.60 -9.86
CA ASP B 157 20.31 7.66 -10.97
CA ASP B 157 20.27 7.74 -11.02
C ASP B 157 19.01 6.95 -11.29
C ASP B 157 18.98 7.02 -11.30
N PHE B 158 18.71 6.81 -12.59
CA PHE B 158 17.46 6.17 -13.05
C PHE B 158 17.69 5.13 -14.14
N GLY B 159 18.92 4.58 -14.19
CA GLY B 159 19.38 3.67 -15.24
C GLY B 159 18.61 2.36 -15.38
N LEU B 160 17.95 1.94 -14.31
CA LEU B 160 17.17 0.68 -14.30
C LEU B 160 15.65 0.93 -14.16
N THR B 161 15.26 2.20 -14.14
CA THR B 161 13.88 2.60 -13.93
C THR B 161 13.03 2.15 -15.12
N LYS B 162 11.89 1.53 -14.80
CA LYS B 162 11.00 0.91 -15.76
C LYS B 162 9.56 1.32 -15.44
N ALA B 163 8.76 1.45 -16.49
CA ALA B 163 7.36 1.82 -16.39
C ALA B 163 6.52 0.59 -16.12
N ILE B 164 5.65 0.64 -15.11
CA ILE B 164 4.61 -0.40 -14.92
C ILE B 164 3.45 -0.11 -15.88
N GLU B 165 3.07 -1.12 -16.67
CA GLU B 165 1.92 -1.02 -17.57
C GLU B 165 0.64 -0.75 -16.81
N THR B 166 -0.22 0.06 -17.43
CA THR B 166 -1.51 0.46 -16.88
C THR B 166 -2.33 -0.78 -16.52
N ASP B 167 -2.93 -0.73 -15.34
CA ASP B 167 -3.75 -1.84 -14.78
C ASP B 167 -2.94 -3.16 -14.65
N LYS B 168 -1.65 -3.03 -14.33
CA LYS B 168 -0.78 -4.14 -13.97
C LYS B 168 -0.07 -3.77 -12.68
N GLU B 169 0.44 -4.77 -11.95
CA GLU B 169 1.10 -4.55 -10.66
C GLU B 169 2.63 -4.70 -10.66
N PTR B 170 3.20 -5.25 -11.73
CA PTR B 170 4.64 -5.49 -11.77
C PTR B 170 5.13 -5.40 -13.16
O PTR B 170 4.37 -5.56 -14.10
CB PTR B 170 5.01 -6.85 -11.16
CG PTR B 170 4.41 -8.04 -11.88
CD1 PTR B 170 3.08 -8.47 -11.63
CD2 PTR B 170 5.19 -8.76 -12.78
CE1 PTR B 170 2.56 -9.58 -12.30
CE2 PTR B 170 4.66 -9.88 -13.44
CZ PTR B 170 3.35 -10.30 -13.21
OH PTR B 170 2.93 -11.39 -13.92
P PTR B 170 1.99 -12.58 -13.37
O1P PTR B 170 2.19 -13.67 -14.40
O2P PTR B 170 0.61 -11.97 -13.40
O3P PTR B 170 2.50 -12.90 -11.98
N PTR B 171 6.43 -5.12 -13.29
CA PTR B 171 7.14 -5.23 -14.56
C PTR B 171 8.03 -6.46 -14.50
O PTR B 171 8.64 -6.74 -13.46
CB PTR B 171 7.97 -3.96 -14.72
CG PTR B 171 8.77 -3.96 -16.00
CD1 PTR B 171 10.13 -4.28 -15.95
CD2 PTR B 171 8.17 -3.64 -17.21
CE1 PTR B 171 10.87 -4.29 -17.13
CE2 PTR B 171 8.92 -3.65 -18.39
CZ PTR B 171 10.29 -3.98 -18.35
OH PTR B 171 11.15 -4.04 -19.41
P PTR B 171 10.86 -3.45 -20.87
O1P PTR B 171 9.83 -4.37 -21.44
O2P PTR B 171 12.22 -3.57 -21.51
O3P PTR B 171 10.40 -2.03 -20.58
N THR B 172 8.13 -7.17 -15.62
CA THR B 172 9.05 -8.30 -15.75
C THR B 172 10.31 -7.93 -16.56
N VAL B 173 11.47 -8.14 -15.96
N VAL B 173 11.47 -8.12 -15.97
CA VAL B 173 12.76 -7.77 -16.56
CA VAL B 173 12.72 -7.76 -16.62
C VAL B 173 13.48 -8.94 -17.21
C VAL B 173 13.42 -8.95 -17.24
N LYS B 174 13.96 -8.73 -18.44
CA LYS B 174 14.75 -9.73 -19.15
C LYS B 174 16.25 -9.53 -18.83
N ASP B 175 16.75 -8.33 -19.08
CA ASP B 175 18.17 -8.03 -18.84
C ASP B 175 18.41 -7.70 -17.37
N ASP B 176 18.96 -8.67 -16.63
CA ASP B 176 19.08 -8.59 -15.16
C ASP B 176 20.46 -8.94 -14.58
N ARG B 177 21.50 -8.97 -15.43
CA ARG B 177 22.82 -9.41 -14.98
C ARG B 177 23.47 -8.43 -13.99
N ASP B 178 23.44 -7.12 -14.31
CA ASP B 178 23.94 -6.07 -13.42
C ASP B 178 22.86 -5.65 -12.41
N SER B 179 22.52 -6.57 -11.50
CA SER B 179 21.44 -6.40 -10.51
C SER B 179 22.03 -6.22 -9.12
N PRO B 180 21.57 -5.21 -8.36
CA PRO B 180 21.98 -5.05 -6.96
C PRO B 180 21.23 -6.02 -6.05
N VAL B 181 21.68 -7.27 -6.11
CA VAL B 181 20.94 -8.37 -5.46
C VAL B 181 20.72 -8.21 -3.94
N PHE B 182 21.66 -7.58 -3.24
CA PHE B 182 21.54 -7.41 -1.79
C PHE B 182 20.55 -6.32 -1.35
N TRP B 183 19.97 -5.62 -2.33
CA TRP B 183 18.90 -4.64 -2.11
C TRP B 183 17.54 -5.15 -2.59
N TYR B 184 17.51 -6.39 -3.10
CA TYR B 184 16.37 -6.86 -3.90
C TYR B 184 15.41 -7.74 -3.12
N ALA B 185 14.13 -7.51 -3.39
CA ALA B 185 13.07 -8.27 -2.78
C ALA B 185 13.07 -9.69 -3.32
N PRO B 186 12.49 -10.66 -2.57
CA PRO B 186 12.45 -12.05 -3.00
C PRO B 186 11.89 -12.27 -4.40
N GLU B 187 10.76 -11.62 -4.69
CA GLU B 187 10.12 -11.75 -6.01
C GLU B 187 11.03 -11.32 -7.16
N CYS B 188 11.88 -10.33 -6.91
CA CYS B 188 12.85 -9.87 -7.89
C CYS B 188 13.93 -10.92 -8.13
N LEU B 189 14.48 -11.45 -7.04
CA LEU B 189 15.52 -12.48 -7.11
C LEU B 189 14.99 -13.80 -7.68
N MET B 190 13.80 -14.21 -7.25
CA MET B 190 13.22 -15.50 -7.64
C MET B 190 12.63 -15.49 -9.03
N GLN B 191 11.86 -14.46 -9.35
CA GLN B 191 11.02 -14.42 -10.56
C GLN B 191 11.23 -13.20 -11.48
N SER B 192 12.18 -12.34 -11.14
CA SER B 192 12.46 -11.14 -11.93
C SER B 192 11.24 -10.20 -12.09
N LYS B 193 10.33 -10.25 -11.11
CA LYS B 193 9.13 -9.40 -11.05
C LYS B 193 9.44 -8.20 -10.16
N PHE B 194 8.99 -7.01 -10.59
CA PHE B 194 9.27 -5.77 -9.89
C PHE B 194 8.00 -4.97 -9.70
N TYR B 195 7.59 -4.86 -8.45
CA TYR B 195 6.40 -4.13 -8.03
C TYR B 195 6.85 -2.80 -7.42
N ILE B 196 5.91 -1.92 -7.13
CA ILE B 196 6.23 -0.74 -6.32
C ILE B 196 6.68 -1.18 -4.92
N ALA B 197 6.07 -2.26 -4.41
CA ALA B 197 6.49 -2.85 -3.13
C ALA B 197 7.93 -3.37 -3.10
N SER B 198 8.46 -3.70 -4.27
CA SER B 198 9.88 -4.08 -4.43
C SER B 198 10.83 -2.92 -4.18
N ASP B 199 10.45 -1.74 -4.64
CA ASP B 199 11.12 -0.49 -4.25
C ASP B 199 11.03 -0.18 -2.76
N VAL B 200 9.90 -0.54 -2.11
CA VAL B 200 9.78 -0.36 -0.67
C VAL B 200 10.78 -1.25 0.10
N TRP B 201 10.90 -2.50 -0.31
CA TRP B 201 11.93 -3.41 0.21
C TRP B 201 13.34 -2.78 0.07
N SER B 202 13.64 -2.31 -1.13
CA SER B 202 14.91 -1.59 -1.41
C SER B 202 15.10 -0.36 -0.54
N PHE B 203 13.99 0.34 -0.26
CA PHE B 203 14.06 1.50 0.62
C PHE B 203 14.49 1.09 2.03
N GLY B 204 13.97 -0.02 2.52
CA GLY B 204 14.31 -0.55 3.85
C GLY B 204 15.82 -0.76 3.97
N VAL B 205 16.41 -1.33 2.93
CA VAL B 205 17.87 -1.60 2.91
C VAL B 205 18.62 -0.26 2.87
N THR B 206 18.19 0.63 2.00
CA THR B 206 18.70 2.00 1.94
C THR B 206 18.65 2.71 3.29
N LEU B 207 17.54 2.55 4.00
CA LEU B 207 17.38 3.09 5.36
C LEU B 207 18.41 2.50 6.31
N HIS B 208 18.67 1.20 6.19
CA HIS B 208 19.73 0.55 6.96
C HIS B 208 21.12 1.20 6.72
N GLU B 209 21.41 1.49 5.46
CA GLU B 209 22.70 2.11 5.05
C GLU B 209 22.84 3.49 5.66
N LEU B 210 21.79 4.26 5.50
CA LEU B 210 21.71 5.60 6.04
C LEU B 210 21.96 5.60 7.53
N LEU B 211 21.27 4.70 8.23
CA LEU B 211 21.44 4.53 9.67
C LEU B 211 22.85 4.08 10.08
N THR B 212 23.54 3.33 9.20
CA THR B 212 24.91 2.91 9.45
C THR B 212 25.95 3.85 8.82
N TYR B 213 25.51 5.00 8.29
CA TYR B 213 26.36 6.01 7.66
C TYR B 213 27.15 5.46 6.49
N CYS B 214 26.56 4.51 5.78
CA CYS B 214 27.23 3.84 4.65
C CYS B 214 28.62 3.25 4.97
N ASP B 215 28.80 2.77 6.20
CA ASP B 215 30.03 2.08 6.57
C ASP B 215 30.13 0.77 5.80
N SER B 216 31.27 0.56 5.15
CA SER B 216 31.50 -0.59 4.28
C SER B 216 31.44 -1.89 5.03
N ASP B 217 32.03 -1.92 6.23
CA ASP B 217 31.99 -3.13 7.07
C ASP B 217 30.58 -3.48 7.54
N SER B 218 29.70 -2.49 7.61
CA SER B 218 28.26 -2.72 7.90
C SER B 218 27.35 -2.58 6.67
N SER B 219 27.90 -2.68 5.47
CA SER B 219 27.07 -2.55 4.25
C SER B 219 26.20 -3.79 4.07
N PRO B 220 25.06 -3.65 3.33
CA PRO B 220 24.18 -4.79 3.07
C PRO B 220 24.87 -6.02 2.53
N MET B 221 25.77 -5.81 1.56
CA MET B 221 26.61 -6.89 1.02
C MET B 221 27.38 -7.60 2.13
N ALA B 222 28.18 -6.82 2.87
CA ALA B 222 29.02 -7.39 3.94
C ALA B 222 28.21 -8.16 4.98
N LEU B 223 27.09 -7.60 5.41
CA LEU B 223 26.25 -8.23 6.42
C LEU B 223 25.53 -9.49 5.92
N PHE B 224 25.01 -9.47 4.69
CA PHE B 224 24.41 -10.66 4.09
C PHE B 224 25.47 -11.73 3.79
N LEU B 225 26.64 -11.32 3.32
CA LEU B 225 27.72 -12.30 3.06
C LEU B 225 28.23 -12.95 4.33
N LYS B 226 28.21 -12.23 5.45
CA LYS B 226 28.50 -12.81 6.77
C LYS B 226 27.47 -13.88 7.15
N MET B 227 26.19 -13.66 6.85
CA MET B 227 25.12 -14.63 7.14
C MET B 227 25.23 -15.89 6.29
N ILE B 228 25.32 -15.71 4.96
CA ILE B 228 25.31 -16.83 4.00
C ILE B 228 26.68 -17.44 3.70
N GLY B 229 27.72 -16.61 3.72
CA GLY B 229 29.11 -17.01 3.41
C GLY B 229 29.64 -16.16 2.26
N PRO B 230 30.90 -15.67 2.36
CA PRO B 230 31.43 -14.72 1.37
C PRO B 230 32.01 -15.31 0.07
N THR B 231 32.20 -16.63 0.01
CA THR B 231 32.86 -17.29 -1.13
C THR B 231 32.01 -18.43 -1.74
N HIS B 232 30.75 -18.13 -2.02
CA HIS B 232 29.81 -19.05 -2.72
C HIS B 232 29.63 -18.76 -4.21
N GLY B 233 30.12 -17.62 -4.70
CA GLY B 233 30.19 -17.33 -6.13
C GLY B 233 28.85 -17.23 -6.82
N GLN B 234 28.65 -18.00 -7.90
CA GLN B 234 27.37 -18.03 -8.62
C GLN B 234 26.17 -18.61 -7.84
N MET B 235 26.42 -19.21 -6.67
CA MET B 235 25.36 -19.70 -5.77
C MET B 235 24.94 -18.67 -4.70
N THR B 236 25.52 -17.47 -4.76
CA THR B 236 25.22 -16.42 -3.78
C THR B 236 23.76 -16.05 -3.75
N VAL B 237 23.15 -15.84 -4.92
CA VAL B 237 21.76 -15.38 -5.00
C VAL B 237 20.80 -16.45 -4.47
N THR B 238 21.02 -17.72 -4.82
CA THR B 238 20.14 -18.78 -4.31
C THR B 238 20.23 -18.94 -2.80
N ARG B 239 21.44 -18.86 -2.25
CA ARG B 239 21.64 -18.89 -0.79
C ARG B 239 21.04 -17.66 -0.09
N LEU B 240 21.07 -16.52 -0.77
CA LEU B 240 20.41 -15.32 -0.27
C LEU B 240 18.89 -15.51 -0.21
N VAL B 241 18.32 -16.02 -1.31
CA VAL B 241 16.90 -16.34 -1.41
C VAL B 241 16.48 -17.29 -0.30
N ASN B 242 17.30 -18.31 -0.05
CA ASN B 242 16.99 -19.31 0.99
C ASN B 242 17.03 -18.67 2.38
N THR B 243 18.01 -17.80 2.61
CA THR B 243 18.13 -17.09 3.89
C THR B 243 16.93 -16.15 4.11
N LEU B 244 16.48 -15.48 3.05
CA LEU B 244 15.27 -14.64 3.13
C LEU B 244 14.00 -15.45 3.35
N LYS B 245 13.86 -16.58 2.66
CA LYS B 245 12.74 -17.52 2.88
C LYS B 245 12.62 -17.99 4.33
N GLU B 246 13.75 -18.22 4.99
CA GLU B 246 13.78 -18.61 6.39
C GLU B 246 13.30 -17.51 7.35
N GLY B 247 13.33 -16.26 6.91
CA GLY B 247 12.89 -15.11 7.71
C GLY B 247 14.00 -14.22 8.23
N LYS B 248 15.25 -14.54 7.89
CA LYS B 248 16.42 -13.77 8.34
C LYS B 248 16.50 -12.46 7.58
N ARG B 249 16.91 -11.41 8.28
CA ARG B 249 16.94 -10.06 7.74
C ARG B 249 18.17 -9.37 8.27
N LEU B 250 18.49 -8.20 7.70
CA LEU B 250 19.57 -7.38 8.25
C LEU B 250 19.20 -7.00 9.71
N PRO B 251 20.18 -7.06 10.64
CA PRO B 251 19.86 -6.75 12.03
C PRO B 251 19.63 -5.24 12.25
N CYS B 252 19.10 -4.89 13.42
CA CYS B 252 18.93 -3.50 13.82
C CYS B 252 20.31 -2.79 13.81
N PRO B 253 20.43 -1.64 13.14
CA PRO B 253 21.70 -0.89 13.24
C PRO B 253 21.97 -0.45 14.69
N PRO B 254 23.25 -0.25 15.04
CA PRO B 254 23.57 0.33 16.35
C PRO B 254 22.94 1.71 16.52
N ASN B 255 22.40 1.95 17.71
CA ASN B 255 21.75 3.22 18.07
C ASN B 255 20.43 3.53 17.33
N CYS B 256 19.90 2.55 16.59
CA CYS B 256 18.64 2.72 15.92
C CYS B 256 17.47 2.39 16.87
N PRO B 257 16.55 3.35 17.09
CA PRO B 257 15.38 3.02 17.91
C PRO B 257 14.57 1.87 17.32
N ASP B 258 14.02 1.04 18.18
CA ASP B 258 13.17 -0.04 17.71
C ASP B 258 12.03 0.42 16.80
N GLU B 259 11.44 1.59 17.07
CA GLU B 259 10.38 2.18 16.23
C GLU B 259 10.83 2.33 14.77
N VAL B 260 12.06 2.77 14.60
CA VAL B 260 12.63 2.91 13.28
C VAL B 260 12.87 1.56 12.61
N TYR B 261 13.42 0.62 13.37
CA TYR B 261 13.69 -0.73 12.86
C TYR B 261 12.39 -1.46 12.51
N GLN B 262 11.33 -1.23 13.29
CA GLN B 262 10.03 -1.80 12.95
C GLN B 262 9.50 -1.30 11.60
N LEU B 263 9.65 -0.01 11.32
CA LEU B 263 9.33 0.56 9.98
C LEU B 263 10.16 -0.08 8.87
N MET B 264 11.42 -0.32 9.17
CA MET B 264 12.33 -1.08 8.29
C MET B 264 11.80 -2.49 8.05
N ARG B 265 11.46 -3.19 9.12
CA ARG B 265 10.91 -4.57 9.02
C ARG B 265 9.61 -4.62 8.21
N LYS B 266 8.81 -3.56 8.27
CA LYS B 266 7.57 -3.44 7.47
C LYS B 266 7.82 -3.31 5.98
N CYS B 267 9.01 -2.87 5.60
CA CYS B 267 9.46 -2.91 4.23
C CYS B 267 9.90 -4.30 3.76
N TRP B 268 10.16 -5.21 4.69
CA TRP B 268 10.80 -6.49 4.43
C TRP B 268 9.90 -7.72 4.64
N GLU B 269 8.59 -7.52 4.58
CA GLU B 269 7.66 -8.64 4.55
C GLU B 269 7.95 -9.43 3.28
N PHE B 270 7.99 -10.75 3.42
CA PHE B 270 8.30 -11.61 2.28
C PHE B 270 7.37 -11.36 1.08
N GLN B 271 6.08 -11.23 1.36
CA GLN B 271 5.07 -11.00 0.34
C GLN B 271 4.96 -9.52 0.04
N PRO B 272 5.09 -9.13 -1.27
CA PRO B 272 4.96 -7.72 -1.61
C PRO B 272 3.70 -7.03 -1.09
N SER B 273 2.57 -7.70 -1.12
CA SER B 273 1.27 -7.14 -0.67
C SER B 273 1.20 -6.84 0.84
N ASN B 274 2.07 -7.48 1.62
CA ASN B 274 2.14 -7.30 3.09
C ASN B 274 3.05 -6.16 3.54
N ARG B 275 3.89 -5.66 2.62
CA ARG B 275 4.77 -4.57 2.94
C ARG B 275 4.03 -3.23 3.09
N THR B 276 4.61 -2.34 3.87
CA THR B 276 4.14 -0.97 4.01
C THR B 276 4.27 -0.16 2.70
N SER B 277 3.88 1.10 2.74
CA SER B 277 3.96 2.04 1.62
C SER B 277 4.87 3.21 1.95
N PHE B 278 5.31 3.93 0.92
CA PHE B 278 6.11 5.14 1.12
C PHE B 278 5.39 6.22 1.94
N GLN B 279 4.11 6.43 1.66
N GLN B 279 4.11 6.44 1.67
CA GLN B 279 3.30 7.36 2.45
CA GLN B 279 3.32 7.37 2.49
C GLN B 279 3.15 6.93 3.92
C GLN B 279 3.16 6.92 3.95
N ASN B 280 2.90 5.64 4.19
CA ASN B 280 2.89 5.14 5.59
C ASN B 280 4.27 5.26 6.28
N LEU B 281 5.35 5.12 5.50
CA LEU B 281 6.70 5.37 6.06
C LEU B 281 6.89 6.82 6.46
N ILE B 282 6.52 7.74 5.57
CA ILE B 282 6.60 9.18 5.86
C ILE B 282 5.86 9.51 7.13
N GLU B 283 4.60 9.05 7.23
N GLU B 283 4.59 9.07 7.18
CA GLU B 283 3.78 9.26 8.42
CA GLU B 283 3.75 9.26 8.36
C GLU B 283 4.48 8.75 9.69
C GLU B 283 4.46 8.76 9.63
N GLY B 284 5.04 7.54 9.60
CA GLY B 284 5.80 6.97 10.71
C GLY B 284 7.06 7.77 11.09
N PHE B 285 7.81 8.23 10.09
CA PHE B 285 8.98 9.06 10.37
C PHE B 285 8.61 10.41 10.95
N GLU B 286 7.65 11.08 10.32
N GLU B 286 7.62 11.08 10.39
CA GLU B 286 7.07 12.36 10.81
CA GLU B 286 7.15 12.37 10.88
C GLU B 286 6.57 12.29 12.28
C GLU B 286 6.65 12.27 12.33
N ALA B 287 5.99 11.16 12.67
CA ALA B 287 5.58 10.94 14.06
C ALA B 287 6.81 10.93 14.99
N LEU B 288 7.91 10.31 14.55
CA LEU B 288 9.14 10.28 15.34
C LEU B 288 9.84 11.65 15.40
N LEU B 289 9.71 12.45 14.34
CA LEU B 289 10.26 13.81 14.27
C LEU B 289 9.50 14.89 15.01
N LYS B 290 8.24 14.63 15.38
CA LYS B 290 7.43 15.65 16.09
C LYS B 290 7.86 15.82 17.56
C9 9T6 C . -13.11 2.26 1.52
C3 9T6 C . -10.82 4.65 3.95
C8 9T6 C . -13.95 3.22 1.13
C5 9T6 C . -12.17 2.83 2.40
C2 9T6 C . -10.35 3.37 3.95
C1 9T6 C . -11.05 2.39 3.16
C6 9T6 C . -12.57 4.16 2.46
C10 9T6 C . -9.15 3.05 4.78
C19 9T6 C . -11.97 -0.80 4.90
C23 9T6 C . -9.90 -1.74 3.89
C22 9T6 C . -11.89 -3.20 4.10
C15 9T6 C . -13.33 -1.53 2.92
C16 9T6 C . -11.24 -2.40 1.85
C21 9T6 C . -11.10 -2.06 4.78
C14 9T6 C . -12.50 -0.39 3.54
C17 9T6 C . -10.41 -1.28 2.51
C18 9T6 C . -11.31 -0.05 2.61
C20 9T6 C . -12.43 -2.76 2.75
N4 9T6 C . -11.87 5.02 3.22
N7 9T6 C . -13.60 4.35 1.70
N12 9T6 C . -8.46 3.99 5.47
N13 9T6 C . -10.59 1.10 3.13
O11 9T6 C . -8.75 1.91 4.83
O24 9T6 C . -13.18 -3.83 2.20
C9 9T6 D . 24.91 12.04 -10.91
C3 9T6 D . 27.20 14.57 -8.56
C8 9T6 D . 24.08 13.00 -11.35
C5 9T6 D . 25.84 12.64 -10.03
C2 9T6 D . 27.66 13.26 -8.50
C1 9T6 D . 26.97 12.24 -9.25
C6 9T6 D . 25.44 13.99 -10.02
C10 9T6 D . 28.85 12.97 -7.66
C19 9T6 D . 26.03 8.97 -7.45
C23 9T6 D . 28.17 8.10 -8.33
C22 9T6 D . 26.22 6.56 -8.20
C15 9T6 D . 24.83 8.21 -9.50
C16 9T6 D . 27.00 7.37 -10.42
C21 9T6 D . 26.93 7.73 -7.49
C14 9T6 D . 25.57 9.37 -8.85
C17 9T6 D . 27.72 8.52 -9.74
C18 9T6 D . 26.78 9.73 -9.73
C20 9T6 D . 25.75 6.99 -9.59
N4 9T6 D . 26.12 14.89 -9.28
N7 9T6 D . 24.40 14.17 -10.80
N12 9T6 D . 29.44 13.89 -6.88
N13 9T6 D . 27.46 10.93 -9.25
O11 9T6 D . 29.34 11.84 -7.64
O24 9T6 D . 25.09 5.92 -10.25
#